data_7W9Q
#
_entry.id   7W9Q
#
_cell.length_a   43.378
_cell.length_b   85.380
_cell.length_c   63.957
_cell.angle_alpha   90.00
_cell.angle_beta   90.00
_cell.angle_gamma   90.00
#
_symmetry.space_group_name_H-M   'P 21 21 2'
#
loop_
_entity.id
_entity.type
_entity.pdbx_description
1 polymer Transthyretin
2 non-polymer (2~{R})-2-(3-chloranyl-4-oxidanyl-phenyl)-5,7-bis(oxidanyl)-2,3-dihydrochromen-4-one
3 non-polymer 'CALCIUM ION'
4 water water
#
_entity_poly.entity_id   1
_entity_poly.type   'polypeptide(L)'
_entity_poly.pdbx_seq_one_letter_code
;MRGSHHHHHHGSMASHRLLLLCLAGLVFVSEAGPTGTGESKCPLMVKVLDAVRGSPAINVAMHVFRKAADDTWEPFASGK
TSESGELHGLTTEEEFVEGIYKVEIDTKSYWKALGISPFHEHAEVVFTANDSGPRRYTIAALLSPYSYSTTAVVTNPKE
;
_entity_poly.pdbx_strand_id   A,B
#
loop_
_chem_comp.id
_chem_comp.type
_chem_comp.name
_chem_comp.formula
90Q non-polymer (2~{R})-2-(3-chloranyl-4-oxidanyl-phenyl)-5,7-bis(oxidanyl)-2,3-dihydrochromen-4-one 'C15 H11 Cl O5'
CA non-polymer 'CALCIUM ION' 'Ca 2'
#
# COMPACT_ATOMS: atom_id res chain seq x y z
N CYS A 42 -19.56 -8.68 -11.70
CA CYS A 42 -18.41 -7.82 -11.46
C CYS A 42 -17.51 -8.43 -10.40
N PRO A 43 -16.46 -9.14 -10.84
CA PRO A 43 -15.60 -9.83 -9.87
C PRO A 43 -14.57 -8.93 -9.20
N LEU A 44 -14.33 -7.73 -9.71
CA LEU A 44 -13.36 -6.83 -9.10
C LEU A 44 -13.92 -5.42 -9.19
N MET A 45 -14.12 -4.79 -8.03
CA MET A 45 -14.62 -3.43 -7.92
C MET A 45 -13.73 -2.67 -6.95
N VAL A 46 -13.48 -1.39 -7.22
CA VAL A 46 -12.67 -0.55 -6.35
C VAL A 46 -13.46 0.69 -5.98
N LYS A 47 -13.51 1.01 -4.69
CA LYS A 47 -14.19 2.19 -4.18
C LYS A 47 -13.20 3.05 -3.41
N VAL A 48 -13.17 4.36 -3.69
CA VAL A 48 -12.21 5.27 -3.10
C VAL A 48 -12.96 6.43 -2.46
N LEU A 49 -12.61 6.74 -1.21
CA LEU A 49 -13.26 7.80 -0.46
C LEU A 49 -12.22 8.83 -0.02
N ASP A 50 -12.67 10.07 0.14
CA ASP A 50 -11.82 11.19 0.54
C ASP A 50 -12.20 11.57 1.97
N ALA A 51 -11.23 11.42 2.88
CA ALA A 51 -11.47 11.65 4.30
C ALA A 51 -11.34 13.12 4.70
N VAL A 52 -10.88 13.98 3.80
CA VAL A 52 -10.78 15.41 4.06
C VAL A 52 -12.10 16.10 3.74
N ARG A 53 -12.71 15.72 2.63
CA ARG A 53 -13.95 16.33 2.18
C ARG A 53 -15.19 15.56 2.58
N GLY A 54 -15.05 14.29 3.00
CA GLY A 54 -16.24 13.51 3.30
C GLY A 54 -17.06 13.19 2.07
N SER A 55 -16.38 12.70 1.03
CA SER A 55 -17.01 12.54 -0.26
C SER A 55 -16.38 11.34 -0.93
N PRO A 56 -17.04 10.78 -1.95
CA PRO A 56 -16.29 9.89 -2.84
C PRO A 56 -15.10 10.62 -3.44
N ALA A 57 -14.05 9.85 -3.76
CA ALA A 57 -12.89 10.40 -4.45
C ALA A 57 -13.12 10.16 -5.94
N ILE A 58 -13.42 11.23 -6.67
CA ILE A 58 -13.89 11.16 -8.04
C ILE A 58 -12.70 11.31 -8.97
N ASN A 59 -12.73 10.61 -10.11
CA ASN A 59 -11.73 10.76 -11.16
C ASN A 59 -10.34 10.30 -10.69
N VAL A 60 -10.29 9.31 -9.82
CA VAL A 60 -9.02 8.74 -9.37
C VAL A 60 -8.61 7.63 -10.34
N ALA A 61 -7.46 7.77 -10.95
CA ALA A 61 -6.94 6.78 -11.89
C ALA A 61 -6.36 5.60 -11.13
N MET A 62 -6.50 4.41 -11.72
CA MET A 62 -5.79 3.28 -11.16
C MET A 62 -5.48 2.27 -12.25
N HIS A 63 -4.42 1.52 -12.03
CA HIS A 63 -3.96 0.48 -12.95
C HIS A 63 -3.86 -0.83 -12.18
N VAL A 64 -4.34 -1.90 -12.79
CA VAL A 64 -4.29 -3.23 -12.22
C VAL A 64 -3.26 -4.03 -13.00
N PHE A 65 -2.42 -4.78 -12.28
CA PHE A 65 -1.40 -5.63 -12.89
C PHE A 65 -1.58 -7.04 -12.35
N ARG A 66 -1.09 -8.01 -13.13
CA ARG A 66 -1.13 -9.41 -12.75
C ARG A 66 0.26 -9.98 -12.91
N LYS A 67 0.71 -10.72 -11.90
CA LYS A 67 2.07 -11.24 -11.94
C LYS A 67 2.15 -12.37 -12.96
N ALA A 68 3.10 -12.25 -13.88
CA ALA A 68 3.28 -13.27 -14.92
C ALA A 68 4.15 -14.41 -14.40
N ALA A 69 4.23 -15.47 -15.21
CA ALA A 69 4.99 -16.65 -14.81
C ALA A 69 6.46 -16.33 -14.61
N ASP A 70 6.98 -15.33 -15.31
CA ASP A 70 8.37 -14.89 -15.14
C ASP A 70 8.52 -13.82 -14.06
N ASP A 71 7.52 -13.67 -13.19
CA ASP A 71 7.56 -12.79 -12.03
C ASP A 71 7.59 -11.30 -12.38
N THR A 72 7.24 -10.94 -13.60
CA THR A 72 7.06 -9.53 -13.93
C THR A 72 5.58 -9.15 -13.79
N TRP A 73 5.34 -7.86 -13.58
CA TRP A 73 3.98 -7.33 -13.49
C TRP A 73 3.48 -7.00 -14.90
N GLU A 74 2.44 -7.71 -15.34
CA GLU A 74 1.85 -7.43 -16.64
C GLU A 74 0.62 -6.56 -16.49
N PRO A 75 0.38 -5.60 -17.38
CA PRO A 75 -0.85 -4.81 -17.30
C PRO A 75 -2.08 -5.70 -17.49
N PHE A 76 -3.09 -5.45 -16.66
CA PHE A 76 -4.31 -6.25 -16.64
C PHE A 76 -5.55 -5.43 -16.95
N ALA A 77 -5.71 -4.27 -16.33
CA ALA A 77 -6.88 -3.43 -16.55
C ALA A 77 -6.56 -2.07 -15.97
N SER A 78 -7.31 -1.06 -16.39
CA SER A 78 -7.17 0.27 -15.78
C SER A 78 -8.47 1.04 -15.95
N GLY A 79 -8.59 2.12 -15.19
CA GLY A 79 -9.76 2.98 -15.30
C GLY A 79 -9.68 4.09 -14.28
N LYS A 80 -10.76 4.85 -14.17
CA LYS A 80 -10.85 5.88 -13.15
C LYS A 80 -12.19 5.83 -12.43
N THR A 81 -12.19 6.29 -11.19
CA THR A 81 -13.43 6.26 -10.42
C THR A 81 -14.46 7.24 -10.97
N SER A 82 -15.72 6.86 -10.78
CA SER A 82 -16.87 7.63 -11.22
C SER A 82 -17.21 8.70 -10.18
N GLU A 83 -18.35 9.37 -10.39
CA GLU A 83 -18.85 10.37 -9.46
C GLU A 83 -19.20 9.75 -8.11
N SER A 84 -19.39 8.44 -8.06
CA SER A 84 -19.67 7.73 -6.81
C SER A 84 -18.40 7.18 -6.18
N GLY A 85 -17.24 7.48 -6.76
CA GLY A 85 -15.99 6.97 -6.25
C GLY A 85 -15.71 5.53 -6.55
N GLU A 86 -16.47 4.92 -7.47
CA GLU A 86 -16.37 3.50 -7.75
C GLU A 86 -15.83 3.25 -9.16
N LEU A 87 -15.11 2.16 -9.31
CA LEU A 87 -14.66 1.73 -10.62
C LEU A 87 -15.12 0.29 -10.81
N HIS A 88 -16.06 0.10 -11.73
CA HIS A 88 -16.64 -1.19 -12.08
C HIS A 88 -16.11 -1.60 -13.46
N GLY A 89 -16.38 -2.84 -13.82
CA GLY A 89 -16.13 -3.29 -15.18
C GLY A 89 -14.68 -3.49 -15.55
N LEU A 90 -13.80 -3.69 -14.56
CA LEU A 90 -12.38 -3.88 -14.89
C LEU A 90 -12.12 -5.21 -15.56
N THR A 91 -12.86 -6.26 -15.20
CA THR A 91 -12.56 -7.58 -15.73
C THR A 91 -13.84 -8.41 -15.78
N THR A 92 -13.71 -9.64 -16.25
CA THR A 92 -14.82 -10.58 -16.29
C THR A 92 -14.43 -11.83 -15.51
N GLU A 93 -15.45 -12.61 -15.15
CA GLU A 93 -15.22 -13.88 -14.47
C GLU A 93 -14.21 -14.75 -15.21
N GLU A 94 -14.32 -14.83 -16.55
CA GLU A 94 -13.46 -15.72 -17.31
C GLU A 94 -12.01 -15.23 -17.33
N GLU A 95 -11.81 -13.92 -17.43
CA GLU A 95 -10.47 -13.36 -17.55
C GLU A 95 -9.76 -13.28 -16.21
N PHE A 96 -10.52 -13.21 -15.12
CA PHE A 96 -9.97 -12.98 -13.79
C PHE A 96 -9.61 -14.33 -13.16
N VAL A 97 -8.54 -14.91 -13.69
CA VAL A 97 -8.06 -16.22 -13.25
C VAL A 97 -7.28 -16.10 -11.94
N GLU A 98 -6.94 -17.24 -11.35
CA GLU A 98 -6.06 -17.26 -10.19
C GLU A 98 -4.78 -16.48 -10.50
N GLY A 99 -4.26 -15.81 -9.49
CA GLY A 99 -2.98 -15.13 -9.66
C GLY A 99 -2.79 -14.11 -8.57
N ILE A 100 -1.65 -13.44 -8.66
CA ILE A 100 -1.33 -12.33 -7.76
C ILE A 100 -1.56 -11.04 -8.54
N TYR A 101 -2.41 -10.17 -7.99
CA TYR A 101 -2.81 -8.94 -8.65
C TYR A 101 -2.35 -7.76 -7.81
N LYS A 102 -2.03 -6.67 -8.50
CA LYS A 102 -1.68 -5.42 -7.84
C LYS A 102 -2.59 -4.33 -8.38
N VAL A 103 -3.26 -3.61 -7.48
CA VAL A 103 -4.03 -2.41 -7.83
C VAL A 103 -3.23 -1.21 -7.38
N GLU A 104 -2.83 -0.36 -8.33
CA GLU A 104 -2.06 0.84 -8.04
C GLU A 104 -2.99 2.04 -8.21
N ILE A 105 -3.32 2.70 -7.10
CA ILE A 105 -4.26 3.82 -7.11
C ILE A 105 -3.47 5.12 -7.11
N ASP A 106 -3.70 5.99 -8.11
CA ASP A 106 -2.88 7.20 -8.26
C ASP A 106 -3.42 8.30 -7.34
N THR A 107 -3.07 8.16 -6.06
CA THR A 107 -3.54 9.10 -5.07
C THR A 107 -2.83 10.44 -5.15
N LYS A 108 -1.56 10.45 -5.58
CA LYS A 108 -0.83 11.70 -5.60
C LYS A 108 -1.48 12.69 -6.56
N SER A 109 -1.84 12.23 -7.76
CA SER A 109 -2.48 13.12 -8.74
C SER A 109 -3.82 13.64 -8.22
N TYR A 110 -4.54 12.79 -7.50
CA TYR A 110 -5.80 13.22 -6.90
C TYR A 110 -5.59 14.39 -5.93
N TRP A 111 -4.64 14.27 -5.01
CA TRP A 111 -4.45 15.33 -4.02
C TRP A 111 -3.89 16.59 -4.66
N LYS A 112 -2.99 16.44 -5.64
CA LYS A 112 -2.37 17.61 -6.26
C LYS A 112 -3.41 18.46 -6.97
N ALA A 113 -4.38 17.84 -7.62
CA ALA A 113 -5.45 18.59 -8.28
C ALA A 113 -6.32 19.33 -7.29
N LEU A 114 -6.32 18.93 -6.02
CA LEU A 114 -7.03 19.64 -4.97
C LEU A 114 -6.13 20.63 -4.24
N GLY A 115 -4.92 20.84 -4.74
CA GLY A 115 -4.00 21.79 -4.14
C GLY A 115 -3.14 21.24 -3.03
N ILE A 116 -3.16 19.93 -2.80
CA ILE A 116 -2.48 19.32 -1.66
C ILE A 116 -1.28 18.53 -2.15
N SER A 117 -0.15 18.70 -1.45
CA SER A 117 1.03 17.90 -1.73
CA SER A 117 1.04 17.90 -1.73
C SER A 117 1.03 16.74 -0.74
N PRO A 118 0.66 15.53 -1.15
CA PRO A 118 0.52 14.43 -0.18
C PRO A 118 1.82 13.67 0.02
N PHE A 119 1.79 12.75 0.98
CA PHE A 119 2.97 11.96 1.31
C PHE A 119 3.22 10.85 0.30
N HIS A 120 2.18 10.09 -0.03
CA HIS A 120 2.39 8.86 -0.79
C HIS A 120 2.40 9.13 -2.29
N GLU A 121 3.15 8.30 -3.00
CA GLU A 121 3.12 8.41 -4.47
C GLU A 121 1.85 7.77 -5.01
N HIS A 122 1.44 6.66 -4.40
CA HIS A 122 0.23 5.96 -4.77
C HIS A 122 -0.08 5.01 -3.64
N ALA A 123 -1.28 4.44 -3.68
CA ALA A 123 -1.66 3.38 -2.77
C ALA A 123 -1.62 2.08 -3.56
N GLU A 124 -0.94 1.08 -3.03
CA GLU A 124 -0.78 -0.21 -3.70
C GLU A 124 -1.54 -1.26 -2.91
N VAL A 125 -2.30 -2.10 -3.60
CA VAL A 125 -3.00 -3.20 -2.96
C VAL A 125 -2.58 -4.46 -3.72
N VAL A 126 -1.85 -5.36 -3.07
CA VAL A 126 -1.34 -6.57 -3.70
C VAL A 126 -1.94 -7.79 -3.01
N PHE A 127 -2.52 -8.70 -3.79
CA PHE A 127 -3.25 -9.81 -3.18
C PHE A 127 -3.31 -10.98 -4.14
N THR A 128 -3.41 -12.19 -3.58
CA THR A 128 -3.71 -13.38 -4.38
C THR A 128 -5.23 -13.49 -4.54
N ALA A 129 -5.68 -13.73 -5.77
CA ALA A 129 -7.10 -13.80 -6.05
C ALA A 129 -7.46 -15.20 -6.57
N ASN A 130 -8.65 -15.67 -6.19
CA ASN A 130 -9.29 -16.85 -6.75
C ASN A 130 -8.54 -18.15 -6.46
N ASP A 131 -7.73 -18.18 -5.40
CA ASP A 131 -6.93 -19.36 -5.11
C ASP A 131 -7.78 -20.54 -4.64
N SER A 132 -9.01 -20.29 -4.20
CA SER A 132 -9.92 -21.36 -3.81
C SER A 132 -11.17 -21.35 -4.68
N GLY A 133 -11.03 -20.92 -5.93
CA GLY A 133 -12.16 -20.76 -6.80
C GLY A 133 -12.56 -19.31 -6.93
N PRO A 134 -13.47 -19.02 -7.84
CA PRO A 134 -13.83 -17.61 -8.10
C PRO A 134 -14.47 -16.95 -6.90
N ARG A 135 -14.05 -15.72 -6.65
CA ARG A 135 -14.66 -14.86 -5.65
C ARG A 135 -14.90 -13.49 -6.27
N ARG A 136 -15.72 -12.70 -5.60
CA ARG A 136 -15.93 -11.30 -5.95
C ARG A 136 -15.18 -10.44 -4.94
N TYR A 137 -14.41 -9.47 -5.43
CA TYR A 137 -13.55 -8.67 -4.57
C TYR A 137 -13.97 -7.21 -4.65
N THR A 138 -14.22 -6.60 -3.50
CA THR A 138 -14.37 -5.16 -3.42
C THR A 138 -13.20 -4.63 -2.62
N ILE A 139 -12.39 -3.81 -3.26
CA ILE A 139 -11.24 -3.17 -2.63
C ILE A 139 -11.66 -1.73 -2.34
N ALA A 140 -11.55 -1.32 -1.08
CA ALA A 140 -11.87 0.04 -0.70
C ALA A 140 -10.63 0.75 -0.19
N ALA A 141 -10.52 2.05 -0.50
CA ALA A 141 -9.41 2.86 -0.01
C ALA A 141 -9.99 4.15 0.55
N LEU A 142 -9.54 4.52 1.75
CA LEU A 142 -9.92 5.77 2.39
C LEU A 142 -8.67 6.66 2.40
N LEU A 143 -8.74 7.84 1.78
CA LEU A 143 -7.56 8.66 1.52
C LEU A 143 -7.51 9.91 2.37
N SER A 144 -6.35 10.18 2.96
CA SER A 144 -5.97 11.45 3.56
C SER A 144 -4.63 11.86 3.00
N PRO A 145 -4.23 13.12 3.16
CA PRO A 145 -2.96 13.54 2.54
C PRO A 145 -1.75 12.76 3.03
N TYR A 146 -1.70 12.42 4.32
CA TYR A 146 -0.56 11.70 4.88
C TYR A 146 -0.90 10.28 5.34
N SER A 147 -2.05 9.74 4.93
CA SER A 147 -2.45 8.44 5.43
C SER A 147 -3.43 7.84 4.44
N TYR A 148 -3.44 6.52 4.37
CA TYR A 148 -4.58 5.88 3.74
C TYR A 148 -4.85 4.55 4.42
N SER A 149 -6.07 4.09 4.27
CA SER A 149 -6.49 2.80 4.77
C SER A 149 -7.06 2.03 3.60
N THR A 150 -6.88 0.73 3.62
CA THR A 150 -7.46 -0.08 2.56
C THR A 150 -8.01 -1.35 3.16
N THR A 151 -9.15 -1.80 2.64
CA THR A 151 -9.74 -3.03 3.12
C THR A 151 -10.25 -3.80 1.92
N ALA A 152 -10.56 -5.07 2.14
CA ALA A 152 -11.13 -5.87 1.09
C ALA A 152 -12.33 -6.61 1.64
N VAL A 153 -13.39 -6.65 0.84
CA VAL A 153 -14.56 -7.49 1.11
C VAL A 153 -14.56 -8.56 0.03
N VAL A 154 -14.55 -9.82 0.45
CA VAL A 154 -14.44 -10.96 -0.45
C VAL A 154 -15.70 -11.79 -0.28
N THR A 155 -16.46 -11.96 -1.35
CA THR A 155 -17.70 -12.70 -1.30
C THR A 155 -17.67 -13.88 -2.25
N ASN A 156 -18.40 -14.93 -1.87
CA ASN A 156 -18.54 -16.13 -2.69
C ASN A 156 -19.92 -16.13 -3.34
N CYS B 42 18.51 9.07 13.10
CA CYS B 42 17.52 8.14 12.58
C CYS B 42 16.48 8.89 11.76
N PRO B 43 16.77 9.10 10.47
CA PRO B 43 15.83 9.85 9.62
C PRO B 43 14.61 9.05 9.19
N LEU B 44 14.60 7.73 9.38
CA LEU B 44 13.51 6.88 8.92
C LEU B 44 13.29 5.79 9.95
N MET B 45 12.09 5.73 10.51
CA MET B 45 11.70 4.68 11.43
C MET B 45 10.36 4.12 10.95
N VAL B 46 10.16 2.83 11.16
CA VAL B 46 8.90 2.17 10.82
C VAL B 46 8.34 1.53 12.08
N LYS B 47 7.05 1.75 12.33
CA LYS B 47 6.37 1.16 13.49
C LYS B 47 5.17 0.38 12.99
N VAL B 48 5.01 -0.85 13.47
CA VAL B 48 3.94 -1.73 13.00
C VAL B 48 3.12 -2.22 14.19
N LEU B 49 1.79 -2.11 14.08
CA LEU B 49 0.87 -2.51 15.13
C LEU B 49 -0.09 -3.57 14.63
N ASP B 50 -0.56 -4.41 15.54
CA ASP B 50 -1.45 -5.54 15.25
C ASP B 50 -2.82 -5.20 15.84
N ALA B 51 -3.83 -5.05 14.99
CA ALA B 51 -5.18 -4.65 15.41
C ALA B 51 -6.06 -5.81 15.87
N VAL B 52 -5.61 -7.05 15.69
CA VAL B 52 -6.30 -8.24 16.19
C VAL B 52 -5.89 -8.53 17.62
N ARG B 53 -4.60 -8.40 17.92
CA ARG B 53 -4.06 -8.70 19.24
C ARG B 53 -3.92 -7.48 20.12
N GLY B 54 -3.99 -6.27 19.56
CA GLY B 54 -3.78 -5.06 20.36
C GLY B 54 -2.36 -4.96 20.86
N SER B 55 -1.39 -5.18 19.98
CA SER B 55 0.00 -5.29 20.40
C SER B 55 0.88 -4.72 19.32
N PRO B 56 2.14 -4.42 19.62
CA PRO B 56 3.11 -4.21 18.54
C PRO B 56 3.15 -5.47 17.69
N ALA B 57 3.44 -5.29 16.41
CA ALA B 57 3.62 -6.42 15.51
C ALA B 57 5.12 -6.75 15.50
N ILE B 58 5.48 -7.85 16.15
CA ILE B 58 6.88 -8.18 16.43
C ILE B 58 7.38 -9.13 15.36
N ASN B 59 8.65 -8.97 15.00
CA ASN B 59 9.32 -9.86 14.05
C ASN B 59 8.71 -9.78 12.65
N VAL B 60 8.23 -8.59 12.28
CA VAL B 60 7.74 -8.35 10.94
C VAL B 60 8.91 -7.93 10.07
N ALA B 61 9.16 -8.68 9.01
CA ALA B 61 10.23 -8.34 8.10
C ALA B 61 9.79 -7.25 7.14
N MET B 62 10.71 -6.36 6.78
CA MET B 62 10.42 -5.39 5.74
C MET B 62 11.68 -5.07 4.97
N HIS B 63 11.48 -4.64 3.73
CA HIS B 63 12.56 -4.20 2.86
C HIS B 63 12.25 -2.80 2.36
N VAL B 64 13.29 -1.97 2.29
CA VAL B 64 13.16 -0.62 1.77
C VAL B 64 13.90 -0.55 0.46
N PHE B 65 13.27 0.05 -0.54
CA PHE B 65 13.84 0.17 -1.87
C PHE B 65 13.90 1.64 -2.25
N ARG B 66 14.85 1.98 -3.11
CA ARG B 66 14.92 3.32 -3.68
C ARG B 66 14.76 3.21 -5.19
N LYS B 67 13.92 4.06 -5.77
CA LYS B 67 13.66 3.97 -7.19
C LYS B 67 14.89 4.43 -7.96
N ALA B 68 15.34 3.61 -8.90
CA ALA B 68 16.51 3.93 -9.71
C ALA B 68 16.10 4.70 -10.97
N ALA B 69 17.13 5.16 -11.70
CA ALA B 69 16.88 5.98 -12.89
C ALA B 69 16.20 5.19 -14.00
N ASP B 70 16.41 3.87 -14.06
CA ASP B 70 15.72 3.03 -15.02
C ASP B 70 14.36 2.56 -14.50
N ASP B 71 13.81 3.22 -13.48
CA ASP B 71 12.47 2.95 -12.96
C ASP B 71 12.35 1.56 -12.33
N THR B 72 13.46 1.01 -11.84
CA THR B 72 13.46 -0.23 -11.10
C THR B 72 13.75 0.04 -9.63
N TRP B 73 13.42 -0.94 -8.79
CA TRP B 73 13.52 -0.79 -7.34
C TRP B 73 14.82 -1.40 -6.85
N GLU B 74 15.73 -0.55 -6.38
CA GLU B 74 16.90 -1.27 -5.88
C GLU B 74 16.87 -1.35 -4.36
N PRO B 75 17.27 -2.51 -3.82
CA PRO B 75 17.28 -2.67 -2.37
C PRO B 75 18.16 -1.63 -1.70
N PHE B 76 17.68 -1.10 -0.58
CA PHE B 76 18.30 -0.01 0.15
C PHE B 76 18.58 -0.35 1.60
N ALA B 77 17.66 -1.05 2.27
CA ALA B 77 17.79 -1.39 3.67
C ALA B 77 16.71 -2.42 3.98
N SER B 78 16.88 -3.13 5.09
CA SER B 78 15.86 -4.07 5.54
C SER B 78 16.10 -4.41 7.00
N GLY B 79 15.10 -5.05 7.59
CA GLY B 79 15.20 -5.48 8.97
C GLY B 79 13.89 -6.12 9.40
N LYS B 80 13.80 -6.43 10.68
CA LYS B 80 12.59 -6.98 11.28
C LYS B 80 12.24 -6.13 12.49
N THR B 81 10.95 -5.99 12.77
CA THR B 81 10.56 -5.16 13.89
C THR B 81 10.94 -5.80 15.23
N SER B 82 11.21 -4.93 16.20
CA SER B 82 11.59 -5.31 17.55
C SER B 82 10.36 -5.74 18.34
N GLU B 83 10.57 -6.05 19.62
CA GLU B 83 9.47 -6.39 20.51
C GLU B 83 8.53 -5.20 20.72
N SER B 84 8.96 -3.99 20.39
CA SER B 84 8.11 -2.82 20.47
C SER B 84 7.47 -2.51 19.12
N GLY B 85 7.64 -3.40 18.15
CA GLY B 85 7.08 -3.20 16.83
C GLY B 85 7.77 -2.16 15.99
N GLU B 86 8.99 -1.75 16.36
CA GLU B 86 9.70 -0.67 15.69
C GLU B 86 10.92 -1.21 14.96
N LEU B 87 11.28 -0.55 13.88
CA LEU B 87 12.52 -0.83 13.18
C LEU B 87 13.25 0.48 12.98
N HIS B 88 14.41 0.60 13.61
CA HIS B 88 15.26 1.77 13.59
C HIS B 88 16.54 1.46 12.81
N GLY B 89 17.36 2.49 12.60
CA GLY B 89 18.67 2.29 12.01
C GLY B 89 18.68 1.82 10.58
N LEU B 90 17.62 2.09 9.82
CA LEU B 90 17.58 1.67 8.42
C LEU B 90 18.58 2.44 7.57
N THR B 91 18.75 3.73 7.84
CA THR B 91 19.61 4.57 7.00
C THR B 91 20.22 5.66 7.86
N THR B 92 21.04 6.48 7.24
CA THR B 92 21.65 7.63 7.88
C THR B 92 21.22 8.89 7.16
N GLU B 93 21.46 10.03 7.81
CA GLU B 93 21.11 11.31 7.20
C GLU B 93 21.82 11.51 5.87
N GLU B 94 23.11 11.15 5.80
CA GLU B 94 23.87 11.35 4.57
C GLU B 94 23.34 10.47 3.45
N GLU B 95 22.91 9.25 3.76
CA GLU B 95 22.50 8.30 2.73
C GLU B 95 21.07 8.55 2.26
N PHE B 96 20.25 9.14 3.13
CA PHE B 96 18.81 9.25 2.87
C PHE B 96 18.53 10.52 2.08
N VAL B 97 18.92 10.49 0.81
CA VAL B 97 18.78 11.64 -0.08
C VAL B 97 17.39 11.67 -0.70
N GLU B 98 17.05 12.81 -1.29
CA GLU B 98 15.77 12.94 -1.96
C GLU B 98 15.61 11.85 -3.02
N GLY B 99 14.39 11.37 -3.16
CA GLY B 99 14.11 10.29 -4.08
C GLY B 99 12.77 9.68 -3.72
N ILE B 100 12.40 8.67 -4.48
CA ILE B 100 11.19 7.90 -4.21
C ILE B 100 11.60 6.60 -3.54
N TYR B 101 10.96 6.30 -2.41
CA TYR B 101 11.29 5.13 -1.62
C TYR B 101 10.06 4.24 -1.50
N LYS B 102 10.29 2.95 -1.39
CA LYS B 102 9.21 1.98 -1.17
C LYS B 102 9.56 1.14 0.04
N VAL B 103 8.64 1.05 1.00
CA VAL B 103 8.77 0.14 2.14
C VAL B 103 7.80 -1.00 1.93
N GLU B 104 8.32 -2.20 1.80
CA GLU B 104 7.52 -3.40 1.57
C GLU B 104 7.51 -4.20 2.88
N ILE B 105 6.35 -4.29 3.51
CA ILE B 105 6.18 -4.93 4.80
C ILE B 105 5.59 -6.32 4.58
N ASP B 106 6.27 -7.37 5.03
CA ASP B 106 5.83 -8.76 4.79
C ASP B 106 4.74 -9.12 5.79
N THR B 107 3.55 -8.58 5.54
CA THR B 107 2.42 -8.84 6.42
C THR B 107 1.90 -10.27 6.27
N LYS B 108 2.03 -10.86 5.08
CA LYS B 108 1.50 -12.20 4.88
C LYS B 108 2.21 -13.20 5.79
N SER B 109 3.55 -13.12 5.86
CA SER B 109 4.28 -14.04 6.75
C SER B 109 3.89 -13.83 8.20
N TYR B 110 3.57 -12.59 8.57
CA TYR B 110 3.18 -12.31 9.95
C TYR B 110 1.87 -13.01 10.29
N TRP B 111 0.85 -12.85 9.45
CA TRP B 111 -0.43 -13.49 9.73
C TRP B 111 -0.32 -15.01 9.64
N LYS B 112 0.50 -15.50 8.71
CA LYS B 112 0.70 -16.95 8.59
C LYS B 112 1.27 -17.53 9.88
N ALA B 113 2.24 -16.83 10.49
CA ALA B 113 2.83 -17.34 11.74
C ALA B 113 1.82 -17.37 12.87
N LEU B 114 0.79 -16.52 12.82
CA LEU B 114 -0.27 -16.51 13.81
C LEU B 114 -1.42 -17.44 13.46
N GLY B 115 -1.36 -18.13 12.33
CA GLY B 115 -2.43 -19.02 11.94
C GLY B 115 -3.69 -18.33 11.44
N ILE B 116 -3.56 -17.15 10.86
CA ILE B 116 -4.69 -16.34 10.43
C ILE B 116 -4.54 -16.07 8.94
N SER B 117 -5.61 -16.33 8.19
CA SER B 117 -5.56 -16.22 6.74
C SER B 117 -5.64 -14.76 6.33
N PRO B 118 -4.61 -14.22 5.67
CA PRO B 118 -4.63 -12.80 5.30
C PRO B 118 -5.02 -12.52 3.86
N PHE B 119 -5.40 -11.26 3.58
CA PHE B 119 -5.73 -10.87 2.22
C PHE B 119 -4.51 -10.45 1.40
N HIS B 120 -3.67 -9.58 1.94
CA HIS B 120 -2.62 -8.95 1.17
C HIS B 120 -1.35 -9.80 1.12
N GLU B 121 -0.64 -9.70 0.00
CA GLU B 121 0.67 -10.33 -0.07
C GLU B 121 1.67 -9.59 0.82
N HIS B 122 1.56 -8.27 0.87
CA HIS B 122 2.39 -7.41 1.70
C HIS B 122 1.71 -6.06 1.72
N ALA B 123 2.23 -5.19 2.57
CA ALA B 123 1.79 -3.80 2.64
C ALA B 123 2.91 -2.96 2.05
N GLU B 124 2.57 -2.08 1.11
CA GLU B 124 3.53 -1.26 0.39
C GLU B 124 3.32 0.19 0.77
N VAL B 125 4.40 0.90 1.06
CA VAL B 125 4.32 2.33 1.35
C VAL B 125 5.32 2.99 0.41
N VAL B 126 4.83 3.75 -0.56
CA VAL B 126 5.67 4.39 -1.56
C VAL B 126 5.56 5.90 -1.41
N PHE B 127 6.69 6.57 -1.26
CA PHE B 127 6.65 8.00 -0.94
C PHE B 127 7.88 8.71 -1.50
N THR B 128 7.78 10.03 -1.64
CA THR B 128 8.92 10.86 -2.00
C THR B 128 9.49 11.49 -0.73
N ALA B 129 10.80 11.34 -0.52
CA ALA B 129 11.50 12.05 0.53
C ALA B 129 11.99 13.37 -0.03
N ASN B 130 11.66 14.47 0.65
CA ASN B 130 11.97 15.80 0.13
C ASN B 130 12.73 16.60 1.18
N ASP B 131 13.74 17.35 0.72
CA ASP B 131 14.50 18.24 1.60
C ASP B 131 13.77 19.56 1.73
N SER B 132 13.19 19.81 2.89
CA SER B 132 12.64 21.12 3.25
C SER B 132 12.86 21.23 4.77
N GLY B 133 14.00 21.81 5.15
CA GLY B 133 14.42 21.79 6.52
C GLY B 133 14.70 20.39 7.01
N PRO B 134 15.13 20.26 8.27
CA PRO B 134 15.34 18.93 8.84
C PRO B 134 14.03 18.15 8.92
N ARG B 135 14.07 16.88 8.53
CA ARG B 135 12.87 16.05 8.47
C ARG B 135 13.19 14.63 8.89
N ARG B 136 12.51 14.15 9.93
CA ARG B 136 12.53 12.74 10.31
C ARG B 136 11.20 12.12 9.89
N TYR B 137 11.26 10.91 9.34
CA TYR B 137 10.08 10.22 8.84
C TYR B 137 9.78 9.03 9.74
N THR B 138 8.56 8.98 10.28
CA THR B 138 8.05 7.79 10.94
C THR B 138 6.88 7.27 10.11
N ILE B 139 7.05 6.08 9.56
CA ILE B 139 5.99 5.37 8.84
C ILE B 139 5.34 4.43 9.84
N ALA B 140 4.04 4.54 10.03
CA ALA B 140 3.33 3.61 10.90
C ALA B 140 2.35 2.81 10.08
N ALA B 141 2.17 1.54 10.43
CA ALA B 141 1.22 0.65 9.77
C ALA B 141 0.43 -0.09 10.83
N LEU B 142 -0.89 -0.09 10.68
CA LEU B 142 -1.80 -0.82 11.57
C LEU B 142 -2.39 -1.95 10.74
N LEU B 143 -2.14 -3.19 11.19
CA LEU B 143 -2.45 -4.37 10.39
C LEU B 143 -3.66 -5.12 10.92
N SER B 144 -4.57 -5.47 10.00
CA SER B 144 -5.61 -6.47 10.23
C SER B 144 -5.53 -7.49 9.11
N PRO B 145 -6.15 -8.66 9.27
CA PRO B 145 -6.02 -9.68 8.21
C PRO B 145 -6.49 -9.22 6.84
N TYR B 146 -7.58 -8.45 6.77
CA TYR B 146 -8.12 -8.01 5.49
C TYR B 146 -8.04 -6.51 5.29
N SER B 147 -7.22 -5.82 6.07
CA SER B 147 -7.14 -4.37 5.94
CA SER B 147 -7.14 -4.37 5.94
C SER B 147 -5.83 -3.90 6.55
N TYR B 148 -5.32 -2.79 6.02
CA TYR B 148 -4.25 -2.11 6.73
C TYR B 148 -4.38 -0.61 6.54
N SER B 149 -3.83 0.12 7.50
CA SER B 149 -3.81 1.57 7.47
C SER B 149 -2.36 1.98 7.62
N THR B 150 -1.97 3.04 6.92
CA THR B 150 -0.60 3.51 7.07
C THR B 150 -0.62 5.01 7.14
N THR B 151 0.25 5.58 7.96
CA THR B 151 0.34 7.02 8.05
C THR B 151 1.81 7.39 8.15
N ALA B 152 2.08 8.66 7.94
CA ALA B 152 3.42 9.19 8.01
C ALA B 152 3.38 10.35 8.99
N VAL B 153 4.32 10.36 9.92
CA VAL B 153 4.53 11.47 10.83
C VAL B 153 5.88 12.05 10.46
N VAL B 154 5.88 13.27 9.93
CA VAL B 154 7.09 13.91 9.42
C VAL B 154 7.38 15.09 10.34
N THR B 155 8.51 15.05 11.03
CA THR B 155 8.80 16.03 12.07
C THR B 155 10.17 16.63 11.85
N ASN B 156 10.48 17.66 12.64
CA ASN B 156 11.74 18.39 12.53
C ASN B 156 12.69 18.01 13.66
CAA 90Q C . -16.11 -0.01 2.06
CAB 90Q C . -17.10 0.94 1.79
CAC 90Q C . -16.16 -1.27 1.47
CAD 90Q C . -18.15 0.58 0.94
CAE 90Q C . -17.21 -1.62 0.64
CAF 90Q C . -18.21 -0.69 0.36
CAH 90Q C . -15.42 1.39 3.84
CAI 90Q C . -17.05 2.21 2.35
CAJ 90Q C . -15.95 2.58 3.10
CAN 90Q C . -14.28 1.71 4.58
CAO 90Q C . -14.37 2.19 5.89
CAP 90Q C . -13.03 1.53 3.99
CAQ 90Q C . -13.22 2.49 6.60
CAR 90Q C . -11.88 1.83 4.69
CAS 90Q C . -11.97 2.31 6.00
OAG 90Q C . -15.08 0.35 2.90
OAK 90Q C . -17.26 -2.86 0.09
OAL 90Q C . -19.09 1.53 0.70
OAM 90Q C . -17.95 3.01 2.12
OAT 90Q C . -10.79 2.57 6.64
CLA 90Q C . -10.37 1.59 3.94
CA CA D . -5.72 -22.93 -6.03
CAA 90Q E . 1.15 5.46 15.88
CAB 90Q E . 1.04 4.77 17.09
CAC 90Q E . 2.21 6.33 15.64
CAD 90Q E . 2.03 4.97 18.05
CAE 90Q E . 3.19 6.52 16.63
CAF 90Q E . 3.10 5.84 17.84
CAH 90Q E . -1.09 4.87 15.48
CAI 90Q E . -0.01 3.89 17.33
CAJ 90Q E . -0.93 3.62 16.32
CAN 90Q E . -2.00 4.63 14.45
CAO 90Q E . -3.37 4.71 14.71
CAP 90Q E . -1.56 4.30 13.16
CAQ 90Q E . -4.28 4.47 13.70
CAR 90Q E . -2.46 4.07 12.13
CAS 90Q E . -3.83 4.15 12.42
OAG 90Q E . 0.18 5.26 14.93
OAK 90Q E . 4.23 7.37 16.40
OAL 90Q E . 1.89 4.28 19.21
OAM 90Q E . -0.10 3.31 18.41
OAT 90Q E . -4.70 3.91 11.41
CLA 90Q E . -1.88 3.66 10.51
CA CA F . 13.92 20.27 -2.80
#